data_5D62
#
_entry.id   5D62
#
_cell.length_a   120.998
_cell.length_b   120.998
_cell.length_c   99.957
_cell.angle_alpha   90.00
_cell.angle_beta   90.00
_cell.angle_gamma   120.00
#
_symmetry.space_group_name_H-M   'P 63 2 2'
#
loop_
_entity.id
_entity.type
_entity.pdbx_description
1 polymer Agglutinin
2 polymer Z-VAD-fmk
3 branched alpha-L-fucopyranose-(1-2)-[alpha-D-galactopyranose-(1-3)]beta-D-galactopyranose
4 branched alpha-D-galactopyranose-(1-3)-alpha-D-galactopyranose
5 non-polymer alpha-L-fucopyranose
6 non-polymer 1,2-ETHANEDIOL
7 non-polymer 'DIMETHYL SULFOXIDE'
8 non-polymer 'CHLORIDE ION'
9 non-polymer 'CALCIUM ION'
10 water water
#
loop_
_entity_poly.entity_id
_entity_poly.type
_entity_poly.pdbx_seq_one_letter_code
_entity_poly.pdbx_strand_id
1 'polypeptide(L)'
;MSLRRGIYHIENAGVPSAIDLKDGSSSDGTPIVGWQFTPDTINWHQLWLAEPIPNVADTFTLCNLFSGTYMDLYNGSSEA
GTAVNGWQGTAFTTNPHQLWTIKKSSDGTSYKIQNYGSKTFVDLVNGDSSDGAKIAGWTGTWDEGNPHQKWYFNRMSVSS
AEAQAAIARNPHIHGTYRGYILDGEYLVLPNATFTQIWKDSGLPGSKWREQIYDCDDFAIAMKAAVGKWGADSWKANGFA
IFCGVMLGVNKAGDAAHAYNFTLTKDHADIVFFEPQNGGYLNDIGYDSYMAFY
;
A
2 'polypeptide(L)' (PHQ)VAD(CF0) L
#
# COMPACT_ATOMS: atom_id res chain seq x y z
N SER A 2 11.62 13.42 4.80
CA SER A 2 11.74 12.65 3.56
C SER A 2 10.61 11.61 3.56
N LEU A 3 9.87 11.65 2.47
CA LEU A 3 8.87 10.63 2.19
C LEU A 3 9.58 9.26 2.19
N ARG A 4 9.00 8.29 2.89
CA ARG A 4 9.59 6.92 2.96
C ARG A 4 9.20 6.11 1.73
N ARG A 5 10.06 5.21 1.28
CA ARG A 5 9.68 4.21 0.24
C ARG A 5 8.33 3.62 0.67
N GLY A 6 7.42 3.44 -0.27
CA GLY A 6 6.16 2.83 0.14
C GLY A 6 5.05 3.00 -0.89
N ILE A 7 3.88 2.55 -0.52
CA ILE A 7 2.69 2.65 -1.40
C ILE A 7 1.78 3.71 -0.78
N TYR A 8 1.34 4.63 -1.63
CA TYR A 8 0.54 5.78 -1.24
C TYR A 8 -0.72 5.97 -2.06
N HIS A 9 -1.73 6.45 -1.36
CA HIS A 9 -2.96 6.95 -1.99
C HIS A 9 -2.77 8.47 -1.87
N ILE A 10 -2.70 9.18 -3.01
CA ILE A 10 -2.37 10.56 -3.02
C ILE A 10 -3.58 11.44 -3.27
N GLU A 11 -3.92 12.24 -2.29
CA GLU A 11 -5.20 12.90 -2.20
C GLU A 11 -4.99 14.45 -2.29
N ASN A 12 -5.76 15.15 -3.14
CA ASN A 12 -5.55 16.60 -3.22
C ASN A 12 -5.89 17.29 -1.92
N ALA A 13 -5.16 18.35 -1.58
CA ALA A 13 -5.45 19.00 -0.28
C ALA A 13 -6.62 19.95 -0.25
N GLY A 14 -7.07 20.45 -1.41
CA GLY A 14 -8.22 21.35 -1.52
C GLY A 14 -9.57 20.66 -1.68
N VAL A 15 -9.59 19.54 -2.39
CA VAL A 15 -10.79 18.81 -2.69
C VAL A 15 -10.48 17.30 -2.56
N PRO A 16 -11.50 16.44 -2.18
CA PRO A 16 -11.25 15.01 -1.96
C PRO A 16 -11.15 14.14 -3.27
N SER A 17 -10.20 14.52 -4.13
CA SER A 17 -9.86 13.81 -5.33
C SER A 17 -8.48 13.22 -5.21
N ALA A 18 -8.35 11.94 -5.61
CA ALA A 18 -7.13 11.24 -5.64
C ALA A 18 -6.51 11.22 -7.00
N ILE A 19 -5.19 11.04 -7.02
CA ILE A 19 -4.44 10.86 -8.23
C ILE A 19 -4.74 9.48 -8.80
N ASP A 20 -5.37 9.44 -10.00
CA ASP A 20 -6.00 8.25 -10.53
C ASP A 20 -5.43 8.02 -11.99
N LEU A 21 -4.99 6.84 -12.28
CA LEU A 21 -4.53 6.51 -13.65
C LEU A 21 -5.79 5.99 -14.34
N LYS A 22 -6.25 6.71 -15.33
CA LYS A 22 -7.60 6.48 -15.91
C LYS A 22 -7.78 5.04 -16.40
N ASP A 23 -8.86 4.42 -15.91
CA ASP A 23 -9.18 3.01 -16.14
C ASP A 23 -8.11 2.01 -15.80
N GLY A 24 -7.10 2.42 -15.07
CA GLY A 24 -6.02 1.57 -14.72
C GLY A 24 -5.23 1.14 -15.94
N SER A 25 -5.32 1.88 -17.02
CA SER A 25 -4.77 1.35 -18.28
C SER A 25 -3.22 1.37 -18.36
N SER A 26 -2.64 0.24 -18.85
CA SER A 26 -1.21 0.19 -19.03
CA SER A 26 -1.21 0.13 -19.05
C SER A 26 -0.75 0.83 -20.32
N SER A 27 -1.68 1.34 -21.12
CA SER A 27 -1.23 2.02 -22.38
C SER A 27 -0.33 3.24 -22.09
N ASP A 28 0.67 3.46 -22.97
CA ASP A 28 1.48 4.70 -22.85
C ASP A 28 0.60 5.88 -23.18
N GLY A 29 0.63 6.90 -22.39
CA GLY A 29 -0.11 8.12 -22.60
C GLY A 29 -1.49 8.10 -21.96
N THR A 30 -1.76 7.13 -21.10
CA THR A 30 -3.03 7.06 -20.35
C THR A 30 -3.07 8.30 -19.39
N PRO A 31 -4.15 9.08 -19.43
CA PRO A 31 -4.19 10.25 -18.57
C PRO A 31 -4.19 9.93 -17.09
N ILE A 32 -3.49 10.74 -16.32
CA ILE A 32 -3.62 10.74 -14.84
C ILE A 32 -4.51 11.91 -14.48
N VAL A 33 -5.53 11.63 -13.62
CA VAL A 33 -6.64 12.52 -13.45
C VAL A 33 -7.02 12.56 -12.00
N GLY A 34 -7.76 13.60 -11.63
CA GLY A 34 -8.44 13.57 -10.32
C GLY A 34 -9.70 12.75 -10.33
N TRP A 35 -9.94 12.00 -9.26
CA TRP A 35 -11.11 11.09 -9.12
C TRP A 35 -11.46 10.90 -7.66
N GLN A 36 -12.75 10.79 -7.36
CA GLN A 36 -13.19 10.48 -6.02
C GLN A 36 -12.84 9.08 -5.58
N PHE A 37 -12.90 8.81 -4.26
CA PHE A 37 -12.43 7.56 -3.71
C PHE A 37 -13.30 7.14 -2.55
N THR A 38 -13.13 5.89 -2.15
CA THR A 38 -13.89 5.34 -1.00
C THR A 38 -12.84 4.96 0.05
N PRO A 39 -12.90 5.55 1.25
CA PRO A 39 -11.93 5.14 2.34
C PRO A 39 -12.10 3.72 2.79
N ASP A 40 -11.03 3.10 3.30
CA ASP A 40 -11.12 1.72 3.77
CA ASP A 40 -10.98 1.67 3.75
C ASP A 40 -11.52 0.70 2.71
N THR A 41 -11.11 0.95 1.46
CA THR A 41 -11.27 0.03 0.37
C THR A 41 -9.91 0.00 -0.36
N ILE A 42 -9.72 -0.98 -1.22
CA ILE A 42 -8.67 -0.92 -2.26
C ILE A 42 -9.20 0.01 -3.36
N ASN A 43 -8.54 1.16 -3.57
CA ASN A 43 -8.85 2.05 -4.74
C ASN A 43 -7.96 1.67 -5.86
N TRP A 44 -8.51 0.80 -6.72
CA TRP A 44 -7.71 -0.02 -7.62
C TRP A 44 -6.83 0.78 -8.56
N HIS A 45 -7.29 1.95 -8.99
CA HIS A 45 -6.43 2.74 -9.93
C HIS A 45 -5.64 3.86 -9.33
N GLN A 46 -5.59 3.95 -7.96
CA GLN A 46 -5.17 5.12 -7.23
C GLN A 46 -4.01 4.83 -6.26
N LEU A 47 -3.31 3.71 -6.46
CA LEU A 47 -2.16 3.40 -5.57
C LEU A 47 -0.86 3.59 -6.30
N TRP A 48 0.12 4.17 -5.62
CA TRP A 48 1.41 4.58 -6.23
C TRP A 48 2.56 4.11 -5.34
N LEU A 49 3.47 3.36 -5.93
CA LEU A 49 4.67 2.87 -5.25
C LEU A 49 5.77 3.89 -5.54
N ALA A 50 6.22 4.49 -4.45
CA ALA A 50 7.23 5.52 -4.50
C ALA A 50 8.57 4.83 -4.17
N GLU A 51 9.47 4.87 -5.13
CA GLU A 51 10.78 4.23 -5.08
CA GLU A 51 10.79 4.26 -5.03
C GLU A 51 11.86 5.35 -5.00
N PRO A 52 12.56 5.49 -3.86
CA PRO A 52 13.67 6.50 -3.84
C PRO A 52 14.85 6.23 -4.79
N ILE A 53 15.33 7.27 -5.46
CA ILE A 53 16.47 7.20 -6.33
C ILE A 53 17.71 7.38 -5.46
N PRO A 54 18.70 6.49 -5.68
N PRO A 54 18.57 6.37 -5.33
CA PRO A 54 20.00 6.58 -5.03
CA PRO A 54 19.52 6.52 -4.21
C PRO A 54 20.72 7.87 -5.32
C PRO A 54 20.41 7.76 -4.21
N ASN A 55 21.01 8.55 -4.22
N ASN A 55 20.81 8.24 -5.40
CA ASN A 55 21.91 9.64 -4.17
CA ASN A 55 21.80 9.32 -5.53
C ASN A 55 21.33 10.89 -4.77
C ASN A 55 21.18 10.70 -5.77
N VAL A 56 20.02 10.90 -4.96
N VAL A 56 19.89 10.85 -5.52
CA VAL A 56 19.34 12.05 -5.52
CA VAL A 56 19.25 12.16 -5.64
C VAL A 56 18.28 12.43 -4.51
C VAL A 56 18.29 12.41 -4.49
N ALA A 57 18.56 13.43 -3.68
CA ALA A 57 17.78 13.67 -2.47
C ALA A 57 16.28 13.94 -2.85
N ASP A 58 15.42 13.31 -2.08
CA ASP A 58 13.96 13.52 -2.08
C ASP A 58 13.31 13.30 -3.43
N THR A 59 13.89 12.40 -4.21
CA THR A 59 13.45 12.15 -5.62
C THR A 59 13.16 10.68 -5.81
N PHE A 60 12.04 10.42 -6.54
CA PHE A 60 11.41 9.13 -6.64
C PHE A 60 10.87 8.87 -8.03
N THR A 61 10.66 7.58 -8.34
CA THR A 61 9.72 7.20 -9.42
C THR A 61 8.42 6.92 -8.68
N LEU A 62 7.30 7.07 -9.41
CA LEU A 62 6.00 6.75 -8.90
C LEU A 62 5.36 5.76 -9.86
N CYS A 63 5.13 4.54 -9.38
CA CYS A 63 4.71 3.43 -10.21
C CYS A 63 3.27 3.11 -9.84
N ASN A 64 2.36 3.13 -10.82
CA ASN A 64 1.00 2.76 -10.44
C ASN A 64 0.91 1.23 -10.12
N LEU A 65 0.35 0.88 -8.96
CA LEU A 65 0.43 -0.47 -8.43
C LEU A 65 -0.31 -1.49 -9.35
N PHE A 66 -1.44 -1.05 -9.85
CA PHE A 66 -2.23 -1.82 -10.78
C PHE A 66 -1.64 -1.93 -12.19
N SER A 67 -1.24 -0.87 -12.83
CA SER A 67 -0.80 -0.93 -14.25
C SER A 67 0.68 -1.27 -14.39
N GLY A 68 1.47 -1.05 -13.33
CA GLY A 68 2.90 -1.15 -13.50
C GLY A 68 3.60 -0.06 -14.30
N THR A 69 2.85 0.96 -14.79
CA THR A 69 3.44 2.07 -15.53
C THR A 69 3.64 3.27 -14.60
N TYR A 70 4.42 4.22 -15.06
CA TYR A 70 4.99 5.30 -14.31
C TYR A 70 4.39 6.66 -14.58
N MET A 71 4.27 7.45 -13.52
CA MET A 71 3.91 8.84 -13.67
C MET A 71 4.94 9.58 -14.47
N ASP A 72 4.49 10.18 -15.59
CA ASP A 72 5.32 10.70 -16.69
C ASP A 72 4.85 12.09 -17.14
N LEU A 73 5.72 13.08 -17.10
CA LEU A 73 5.40 14.41 -17.61
C LEU A 73 5.70 14.43 -19.09
N TYR A 74 4.70 14.72 -19.91
CA TYR A 74 4.73 14.49 -21.33
C TYR A 74 5.85 15.33 -21.98
N ASN A 75 6.79 14.60 -22.57
CA ASN A 75 8.01 15.15 -23.19
C ASN A 75 8.81 16.04 -22.29
N GLY A 76 8.59 15.90 -20.97
CA GLY A 76 9.30 16.73 -20.02
C GLY A 76 9.09 18.27 -20.10
N SER A 77 8.04 18.72 -20.76
CA SER A 77 7.87 20.15 -21.04
C SER A 77 7.63 20.88 -19.70
N SER A 78 8.35 21.99 -19.53
CA SER A 78 8.05 22.98 -18.48
C SER A 78 6.83 23.92 -18.76
N GLU A 79 6.15 23.79 -19.88
CA GLU A 79 4.99 24.58 -20.14
C GLU A 79 3.85 24.23 -19.16
N ALA A 80 3.20 25.26 -18.62
CA ALA A 80 2.07 25.02 -17.70
C ALA A 80 0.98 24.34 -18.49
N GLY A 81 0.31 23.34 -17.90
CA GLY A 81 -0.71 22.61 -18.63
C GLY A 81 -0.28 21.33 -19.29
N THR A 82 0.98 21.04 -19.21
CA THR A 82 1.57 19.84 -19.84
C THR A 82 0.98 18.60 -19.21
N ALA A 83 0.56 17.66 -20.04
CA ALA A 83 -0.08 16.40 -19.52
C ALA A 83 0.78 15.52 -18.66
N VAL A 84 0.20 15.05 -17.56
CA VAL A 84 0.79 13.98 -16.71
C VAL A 84 0.03 12.70 -17.04
N ASN A 85 0.77 11.69 -17.46
CA ASN A 85 0.24 10.43 -17.89
C ASN A 85 1.05 9.24 -17.33
N GLY A 86 0.43 8.07 -17.40
CA GLY A 86 1.08 6.81 -17.21
C GLY A 86 1.87 6.43 -18.46
N TRP A 87 3.05 5.92 -18.22
CA TRP A 87 4.02 5.59 -19.29
C TRP A 87 4.95 4.46 -18.88
N GLN A 88 5.29 3.59 -19.87
CA GLN A 88 6.29 2.53 -19.54
C GLN A 88 7.59 3.10 -18.99
N GLY A 89 8.20 2.40 -18.02
CA GLY A 89 9.47 2.80 -17.45
C GLY A 89 10.08 1.78 -16.54
N THR A 90 10.99 2.21 -15.66
CA THR A 90 11.63 1.30 -14.70
CA THR A 90 11.62 1.32 -14.70
C THR A 90 11.87 2.08 -13.40
N ALA A 91 12.08 1.31 -12.32
CA ALA A 91 12.05 1.84 -10.98
C ALA A 91 13.14 2.83 -10.70
N PHE A 92 14.29 2.59 -11.33
CA PHE A 92 15.46 3.47 -11.16
C PHE A 92 15.89 4.17 -12.45
N THR A 93 14.93 4.57 -13.24
CA THR A 93 15.18 5.23 -14.51
C THR A 93 15.96 6.52 -14.34
N THR A 94 16.78 6.85 -15.34
CA THR A 94 17.38 8.17 -15.41
C THR A 94 16.52 9.13 -16.30
N ASN A 95 15.36 8.72 -16.82
CA ASN A 95 14.51 9.60 -17.68
C ASN A 95 13.84 10.62 -16.76
N PRO A 96 14.21 11.91 -16.88
CA PRO A 96 13.67 12.91 -15.93
C PRO A 96 12.15 13.12 -16.04
N HIS A 97 11.57 12.69 -17.15
CA HIS A 97 10.11 12.77 -17.31
C HIS A 97 9.39 11.98 -16.20
N GLN A 98 10.04 10.92 -15.63
CA GLN A 98 9.47 10.02 -14.71
C GLN A 98 10.08 10.18 -13.31
N LEU A 99 10.85 11.26 -13.12
CA LEU A 99 11.50 11.48 -11.81
C LEU A 99 10.85 12.67 -11.10
N TRP A 100 10.52 12.52 -9.83
CA TRP A 100 9.66 13.46 -9.09
C TRP A 100 10.28 13.72 -7.71
N THR A 101 10.59 15.00 -7.44
CA THR A 101 11.07 15.43 -6.11
C THR A 101 9.81 15.72 -5.30
N ILE A 102 9.69 15.07 -4.15
CA ILE A 102 8.49 15.11 -3.34
C ILE A 102 8.91 15.60 -1.96
N LYS A 103 8.45 16.77 -1.57
CA LYS A 103 8.80 17.38 -0.25
C LYS A 103 7.59 18.05 0.36
N LYS A 104 7.59 18.22 1.66
CA LYS A 104 6.53 18.84 2.37
C LYS A 104 6.27 20.28 1.91
N SER A 105 5.02 20.58 1.79
CA SER A 105 4.49 21.91 1.46
C SER A 105 4.60 22.83 2.70
N SER A 106 4.21 24.08 2.53
CA SER A 106 4.30 25.02 3.65
C SER A 106 3.26 24.74 4.71
N ASP A 107 2.30 23.84 4.51
CA ASP A 107 1.42 23.45 5.61
C ASP A 107 2.09 22.34 6.52
N GLY A 108 3.23 21.82 6.14
CA GLY A 108 3.98 20.82 6.88
C GLY A 108 3.37 19.41 6.91
N THR A 109 2.24 19.18 6.23
CA THR A 109 1.52 17.90 6.26
CA THR A 109 1.60 17.84 6.22
C THR A 109 1.39 17.32 4.81
N SER A 110 0.88 18.15 3.90
CA SER A 110 0.82 17.76 2.49
C SER A 110 2.13 17.99 1.84
N TYR A 111 2.33 17.44 0.63
CA TYR A 111 3.56 17.52 -0.12
C TYR A 111 3.27 18.24 -1.42
N LYS A 112 4.30 18.79 -2.00
CA LYS A 112 4.27 19.12 -3.43
C LYS A 112 5.12 18.13 -4.21
N ILE A 113 4.76 17.95 -5.51
CA ILE A 113 5.39 16.98 -6.34
C ILE A 113 5.99 17.68 -7.54
N GLN A 114 7.31 17.72 -7.64
CA GLN A 114 7.97 18.48 -8.63
C GLN A 114 8.62 17.55 -9.58
N ASN A 115 8.49 17.83 -10.86
CA ASN A 115 9.24 17.09 -11.88
C ASN A 115 10.72 17.47 -11.84
N TYR A 116 11.59 16.48 -11.79
CA TYR A 116 13.02 16.73 -11.62
C TYR A 116 13.63 17.43 -12.81
N GLY A 117 13.15 17.12 -14.01
CA GLY A 117 13.63 17.73 -15.26
C GLY A 117 13.07 19.12 -15.49
N SER A 118 11.78 19.30 -15.35
CA SER A 118 11.14 20.58 -15.68
C SER A 118 11.04 21.60 -14.57
N LYS A 119 11.14 21.15 -13.32
CA LYS A 119 10.92 21.95 -12.14
C LYS A 119 9.51 22.50 -11.99
N THR A 120 8.56 21.93 -12.73
CA THR A 120 7.13 22.25 -12.56
C THR A 120 6.44 21.25 -11.63
N PHE A 121 5.26 21.62 -11.11
CA PHE A 121 4.62 20.85 -10.10
C PHE A 121 3.34 20.21 -10.62
N VAL A 122 3.06 19.04 -10.04
CA VAL A 122 1.77 18.34 -10.24
C VAL A 122 0.62 19.18 -9.73
N ASP A 123 -0.38 19.44 -10.59
CA ASP A 123 -1.37 20.43 -10.34
C ASP A 123 -2.76 19.85 -10.76
N LEU A 124 -3.74 19.81 -9.84
CA LEU A 124 -5.15 19.53 -10.19
C LEU A 124 -5.76 20.78 -10.77
N VAL A 125 -5.88 20.81 -12.10
CA VAL A 125 -6.10 22.07 -12.80
C VAL A 125 -7.41 22.72 -12.34
N ASN A 126 -7.33 24.00 -11.93
CA ASN A 126 -8.47 24.75 -11.35
CA ASN A 126 -8.45 24.76 -11.41
C ASN A 126 -9.04 24.21 -10.11
N GLY A 127 -8.34 23.26 -9.46
CA GLY A 127 -8.99 22.67 -8.24
C GLY A 127 -10.25 21.90 -8.56
N ASP A 128 -10.40 21.42 -9.80
CA ASP A 128 -11.67 20.85 -10.23
C ASP A 128 -11.87 19.49 -9.52
N SER A 129 -12.99 19.36 -8.85
CA SER A 129 -13.30 18.18 -8.02
C SER A 129 -13.99 17.07 -8.83
N SER A 130 -14.24 17.33 -10.12
CA SER A 130 -15.00 16.36 -10.87
CA SER A 130 -14.92 16.41 -11.02
C SER A 130 -14.14 15.13 -11.23
N ASP A 131 -14.85 14.02 -11.41
CA ASP A 131 -14.20 12.74 -11.71
C ASP A 131 -13.62 12.86 -13.15
N GLY A 132 -12.32 12.68 -13.30
CA GLY A 132 -11.65 12.83 -14.61
C GLY A 132 -11.03 14.16 -14.93
N ALA A 133 -11.02 15.04 -13.94
CA ALA A 133 -10.30 16.37 -14.04
C ALA A 133 -8.86 16.21 -14.36
N LYS A 134 -8.42 17.06 -15.27
CA LYS A 134 -7.06 17.09 -15.73
C LYS A 134 -6.04 17.34 -14.60
N ILE A 135 -5.00 16.55 -14.56
CA ILE A 135 -3.80 16.85 -13.77
C ILE A 135 -2.69 17.14 -14.76
N ALA A 136 -1.94 18.23 -14.49
CA ALA A 136 -0.93 18.73 -15.36
C ALA A 136 0.30 19.19 -14.60
N GLY A 137 1.42 19.32 -15.31
CA GLY A 137 2.54 20.01 -14.73
C GLY A 137 2.32 21.52 -14.88
N TRP A 138 2.67 22.28 -13.85
CA TRP A 138 2.34 23.74 -13.82
C TRP A 138 3.46 24.48 -13.09
N THR A 139 3.63 25.75 -13.44
CA THR A 139 4.56 26.61 -12.74
C THR A 139 4.08 26.77 -11.33
N GLY A 140 5.06 26.90 -10.45
CA GLY A 140 4.75 27.11 -9.02
C GLY A 140 5.97 27.33 -8.20
N THR A 141 5.75 27.43 -6.89
CA THR A 141 6.79 27.53 -5.90
C THR A 141 6.64 26.52 -4.76
N TRP A 142 7.77 26.24 -4.11
CA TRP A 142 7.76 25.28 -2.98
C TRP A 142 6.97 25.70 -1.79
N ASP A 143 6.91 27.01 -1.55
CA ASP A 143 6.37 27.57 -0.29
C ASP A 143 4.91 28.07 -0.34
N GLU A 144 4.35 28.30 -1.52
CA GLU A 144 3.00 28.91 -1.62
C GLU A 144 1.89 28.01 -1.13
N GLY A 145 0.75 28.59 -0.88
CA GLY A 145 -0.32 27.91 -0.32
C GLY A 145 -1.24 27.19 -1.28
N ASN A 146 -1.13 27.48 -2.58
CA ASN A 146 -2.06 27.03 -3.65
C ASN A 146 -2.41 25.53 -3.45
N PRO A 147 -3.64 25.23 -3.08
CA PRO A 147 -4.05 23.83 -2.90
C PRO A 147 -4.15 22.96 -4.15
N HIS A 148 -4.15 23.59 -5.35
CA HIS A 148 -4.10 22.83 -6.54
C HIS A 148 -2.86 21.96 -6.69
N GLN A 149 -1.75 22.36 -6.03
CA GLN A 149 -0.47 21.74 -6.11
C GLN A 149 -0.06 21.07 -4.76
N LYS A 150 -1.00 20.88 -3.82
CA LYS A 150 -0.69 20.20 -2.59
C LYS A 150 -1.46 18.87 -2.52
N TRP A 151 -0.76 17.88 -1.97
CA TRP A 151 -1.11 16.46 -2.01
C TRP A 151 -0.77 15.72 -0.71
N TYR A 152 -1.80 15.15 -0.06
CA TYR A 152 -1.63 14.26 1.08
C TYR A 152 -1.19 12.89 0.55
N PHE A 153 -0.05 12.44 1.04
CA PHE A 153 0.47 11.07 0.73
C PHE A 153 -0.02 10.17 1.87
N ASN A 154 -1.13 9.49 1.64
CA ASN A 154 -1.77 8.65 2.63
C ASN A 154 -1.11 7.24 2.51
N ARG A 155 -0.36 6.87 3.53
CA ARG A 155 0.51 5.71 3.44
C ARG A 155 -0.35 4.40 3.61
N MET A 156 -0.23 3.50 2.65
N MET A 156 -0.23 3.50 2.66
CA MET A 156 -1.03 2.27 2.56
CA MET A 156 -1.03 2.29 2.61
C MET A 156 -0.21 1.02 2.82
C MET A 156 -0.20 1.02 2.80
N SER A 157 1.12 1.16 2.96
CA SER A 157 1.98 0.03 3.27
C SER A 157 2.76 0.20 4.59
N VAL A 158 3.30 -0.91 5.06
CA VAL A 158 4.25 -0.93 6.17
C VAL A 158 5.57 -1.50 5.73
N SER A 159 6.68 -1.00 6.32
CA SER A 159 7.93 -1.73 6.17
C SER A 159 7.91 -2.97 7.06
N SER A 160 8.83 -3.85 6.83
CA SER A 160 9.01 -5.01 7.74
C SER A 160 9.26 -4.58 9.20
N ALA A 161 9.98 -3.46 9.40
CA ALA A 161 10.30 -2.91 10.74
C ALA A 161 9.06 -2.41 11.43
N GLU A 162 8.17 -1.74 10.68
CA GLU A 162 6.88 -1.34 11.15
CA GLU A 162 6.89 -1.29 11.18
C GLU A 162 5.98 -2.47 11.54
N ALA A 163 5.98 -3.53 10.71
CA ALA A 163 5.14 -4.73 11.05
C ALA A 163 5.62 -5.41 12.37
N GLN A 164 6.96 -5.50 12.48
CA GLN A 164 7.60 -6.05 13.66
CA GLN A 164 7.66 -6.02 13.66
C GLN A 164 7.28 -5.23 14.89
N ALA A 165 7.28 -3.90 14.74
CA ALA A 165 6.90 -3.04 15.81
C ALA A 165 5.46 -3.27 16.29
N ALA A 166 4.51 -3.42 15.36
CA ALA A 166 3.16 -3.67 15.74
C ALA A 166 2.95 -5.00 16.49
N ILE A 167 3.67 -6.02 16.06
CA ILE A 167 3.64 -7.33 16.74
C ILE A 167 4.17 -7.18 18.19
N ALA A 168 5.27 -6.46 18.31
CA ALA A 168 5.99 -6.28 19.63
C ALA A 168 5.19 -5.45 20.61
N ARG A 169 4.21 -4.68 20.15
CA ARG A 169 3.26 -3.94 20.97
C ARG A 169 2.17 -4.83 21.48
N ASN A 170 2.01 -6.04 20.96
CA ASN A 170 0.84 -6.79 21.25
C ASN A 170 0.97 -7.49 22.60
N PRO A 171 -0.09 -7.58 23.38
CA PRO A 171 0.15 -8.28 24.69
C PRO A 171 0.08 -9.82 24.59
N HIS A 172 -0.27 -10.40 23.44
CA HIS A 172 -0.52 -11.89 23.39
C HIS A 172 0.65 -12.59 22.67
N ILE A 173 1.87 -12.23 23.07
CA ILE A 173 3.08 -12.76 22.51
C ILE A 173 3.79 -13.63 23.58
N HIS A 174 4.08 -14.87 23.25
CA HIS A 174 4.66 -15.81 24.21
C HIS A 174 6.11 -15.42 24.48
N GLY A 175 6.62 -15.77 25.66
CA GLY A 175 8.06 -15.52 25.96
C GLY A 175 9.09 -16.06 25.00
N THR A 176 8.78 -17.16 24.31
CA THR A 176 9.73 -17.85 23.46
C THR A 176 9.55 -17.39 22.04
N TYR A 177 8.65 -16.43 21.82
CA TYR A 177 8.34 -15.96 20.41
C TYR A 177 9.55 -15.75 19.51
N ARG A 178 9.48 -16.22 18.27
CA ARG A 178 10.39 -15.85 17.26
C ARG A 178 9.59 -15.50 15.97
N GLY A 179 10.02 -14.45 15.27
CA GLY A 179 9.34 -14.01 14.07
C GLY A 179 10.22 -14.12 12.88
N TYR A 180 9.68 -14.55 11.72
CA TYR A 180 10.49 -14.76 10.51
C TYR A 180 9.93 -13.84 9.41
N ILE A 181 10.73 -12.89 9.01
CA ILE A 181 10.40 -11.87 8.03
C ILE A 181 10.73 -12.37 6.65
N LEU A 182 9.75 -12.23 5.72
CA LEU A 182 9.94 -12.77 4.39
C LEU A 182 10.15 -11.76 3.29
N ASP A 183 9.63 -10.55 3.49
CA ASP A 183 9.74 -9.48 2.47
C ASP A 183 10.07 -8.12 3.18
N GLY A 184 10.01 -7.02 2.45
CA GLY A 184 10.46 -5.68 2.91
C GLY A 184 9.41 -4.64 3.08
N GLU A 185 8.33 -4.66 2.25
CA GLU A 185 7.33 -3.61 2.26
C GLU A 185 6.01 -4.24 1.87
N TYR A 186 4.99 -3.96 2.64
CA TYR A 186 3.71 -4.68 2.53
C TYR A 186 2.50 -3.79 2.40
N LEU A 187 1.68 -4.03 1.36
CA LEU A 187 0.34 -3.41 1.27
C LEU A 187 -0.50 -3.94 2.45
N VAL A 188 -1.07 -3.06 3.25
CA VAL A 188 -1.93 -3.46 4.31
C VAL A 188 -3.33 -3.46 3.77
N LEU A 189 -4.07 -4.54 3.97
CA LEU A 189 -5.41 -4.68 3.41
C LEU A 189 -6.46 -4.19 4.35
N PRO A 190 -7.49 -3.43 3.87
CA PRO A 190 -8.73 -3.39 4.69
C PRO A 190 -9.26 -4.75 5.04
N ASN A 191 -9.89 -4.90 6.18
CA ASN A 191 -10.48 -6.17 6.52
C ASN A 191 -11.50 -6.66 5.47
N ALA A 192 -12.18 -5.71 4.81
CA ALA A 192 -13.21 -6.11 3.82
C ALA A 192 -12.57 -6.88 2.71
N THR A 193 -11.34 -6.48 2.36
CA THR A 193 -10.60 -7.15 1.28
C THR A 193 -9.99 -8.44 1.77
N PHE A 194 -9.40 -8.42 2.97
CA PHE A 194 -8.81 -9.64 3.61
C PHE A 194 -9.87 -10.75 3.66
N THR A 195 -11.08 -10.37 4.05
CA THR A 195 -12.18 -11.28 4.16
C THR A 195 -12.56 -11.80 2.75
N GLN A 196 -12.52 -10.88 1.77
CA GLN A 196 -12.89 -11.30 0.40
C GLN A 196 -11.95 -12.38 -0.14
N ILE A 197 -10.67 -12.21 0.11
CA ILE A 197 -9.69 -13.16 -0.33
C ILE A 197 -9.93 -14.47 0.37
N TRP A 198 -10.21 -14.43 1.67
CA TRP A 198 -10.61 -15.64 2.39
C TRP A 198 -11.80 -16.35 1.69
N LYS A 199 -12.81 -15.58 1.39
CA LYS A 199 -14.01 -16.20 0.74
C LYS A 199 -13.61 -16.83 -0.60
N ASP A 200 -12.88 -16.07 -1.38
CA ASP A 200 -12.57 -16.49 -2.74
C ASP A 200 -11.55 -17.69 -2.74
N SER A 201 -10.88 -17.94 -1.62
CA SER A 201 -9.91 -19.08 -1.51
C SER A 201 -10.62 -20.44 -1.41
N GLY A 202 -11.90 -20.44 -1.02
CA GLY A 202 -12.67 -21.68 -0.77
C GLY A 202 -12.61 -22.17 0.66
N LEU A 203 -11.78 -21.55 1.47
CA LEU A 203 -11.69 -21.91 2.87
C LEU A 203 -12.95 -21.89 3.69
N PRO A 204 -13.86 -20.93 3.42
CA PRO A 204 -15.10 -21.05 4.21
C PRO A 204 -15.83 -22.43 4.13
N GLY A 205 -15.69 -23.10 3.02
CA GLY A 205 -16.25 -24.46 2.77
C GLY A 205 -15.38 -25.63 3.29
N SER A 206 -14.14 -25.37 3.71
CA SER A 206 -13.24 -26.44 4.14
C SER A 206 -13.65 -27.02 5.52
N LYS A 207 -13.67 -28.32 5.68
CA LYS A 207 -13.98 -29.00 6.96
C LYS A 207 -12.69 -29.27 7.71
N TRP A 208 -12.68 -29.00 9.00
CA TRP A 208 -11.63 -29.36 9.88
C TRP A 208 -11.56 -30.92 9.92
N ARG A 209 -10.36 -31.41 9.77
CA ARG A 209 -10.07 -32.86 9.80
C ARG A 209 -8.73 -33.04 10.52
N GLU A 210 -8.73 -33.97 11.49
CA GLU A 210 -7.54 -34.21 12.34
CA GLU A 210 -7.54 -34.30 12.33
C GLU A 210 -6.27 -34.50 11.50
N GLN A 211 -5.26 -33.67 11.74
CA GLN A 211 -4.02 -33.57 11.03
C GLN A 211 -4.04 -33.30 9.52
N ILE A 212 -4.96 -33.93 8.78
CA ILE A 212 -4.90 -33.84 7.27
C ILE A 212 -5.47 -32.50 6.78
N TYR A 213 -6.36 -31.86 7.54
CA TYR A 213 -6.71 -30.46 7.23
C TYR A 213 -7.19 -29.77 8.50
N ASP A 214 -6.20 -29.47 9.32
CA ASP A 214 -6.46 -28.94 10.63
C ASP A 214 -5.93 -27.50 10.62
N CYS A 215 -5.72 -26.94 11.80
CA CYS A 215 -5.62 -25.47 11.93
C CYS A 215 -4.43 -25.01 11.10
N ASP A 216 -3.31 -25.73 11.16
CA ASP A 216 -2.14 -25.33 10.43
C ASP A 216 -2.40 -25.27 8.93
N ASP A 217 -3.21 -26.20 8.39
CA ASP A 217 -3.52 -26.15 6.93
C ASP A 217 -4.38 -24.92 6.56
N PHE A 218 -5.40 -24.58 7.38
CA PHE A 218 -6.19 -23.40 7.15
C PHE A 218 -5.34 -22.15 7.14
N ALA A 219 -4.45 -22.03 8.11
CA ALA A 219 -3.62 -20.84 8.17
C ALA A 219 -2.65 -20.69 7.01
N ILE A 220 -2.01 -21.75 6.59
CA ILE A 220 -1.05 -21.73 5.53
C ILE A 220 -1.83 -21.52 4.23
N ALA A 221 -3.03 -22.07 4.16
CA ALA A 221 -3.76 -21.91 2.90
C ALA A 221 -4.18 -20.43 2.75
N MET A 222 -4.63 -19.79 3.84
CA MET A 222 -4.98 -18.34 3.78
C MET A 222 -3.79 -17.52 3.31
N LYS A 223 -2.62 -17.77 3.93
CA LYS A 223 -1.45 -17.02 3.55
C LYS A 223 -1.10 -17.23 2.03
N ALA A 224 -1.22 -18.46 1.53
CA ALA A 224 -0.95 -18.73 0.16
C ALA A 224 -1.96 -18.04 -0.73
N ALA A 225 -3.19 -18.01 -0.26
CA ALA A 225 -4.27 -17.36 -1.10
C ALA A 225 -4.03 -15.82 -1.21
N VAL A 226 -3.54 -15.20 -0.13
CA VAL A 226 -3.24 -13.78 -0.19
C VAL A 226 -2.03 -13.55 -1.07
N GLY A 227 -1.01 -14.41 -1.01
CA GLY A 227 0.14 -14.29 -1.92
C GLY A 227 -0.27 -14.44 -3.40
N LYS A 228 -1.11 -15.43 -3.69
CA LYS A 228 -1.64 -15.58 -5.12
C LYS A 228 -2.43 -14.36 -5.58
N TRP A 229 -3.29 -13.85 -4.73
CA TRP A 229 -4.10 -12.60 -4.98
C TRP A 229 -3.17 -11.44 -5.31
N GLY A 230 -2.10 -11.27 -4.52
CA GLY A 230 -1.19 -10.19 -4.80
C GLY A 230 -0.56 -10.23 -6.15
N ALA A 231 -0.06 -11.40 -6.52
CA ALA A 231 0.56 -11.49 -7.84
C ALA A 231 -0.44 -11.34 -9.01
N ASP A 232 -1.61 -11.93 -8.78
CA ASP A 232 -2.67 -11.93 -9.85
C ASP A 232 -3.38 -10.62 -9.97
N SER A 233 -3.24 -9.74 -8.99
CA SER A 233 -3.96 -8.47 -8.93
C SER A 233 -3.23 -7.22 -9.37
N TRP A 234 -1.88 -7.20 -9.24
CA TRP A 234 -1.03 -5.99 -9.38
C TRP A 234 0.11 -6.27 -10.35
N LYS A 235 0.40 -5.30 -11.21
CA LYS A 235 1.43 -5.43 -12.23
C LYS A 235 2.75 -4.87 -11.75
N ALA A 236 2.74 -3.98 -10.74
CA ALA A 236 3.98 -3.44 -10.23
C ALA A 236 4.71 -4.56 -9.45
N ASN A 237 6.03 -4.41 -9.30
CA ASN A 237 6.85 -5.27 -8.43
C ASN A 237 7.48 -4.50 -7.25
N GLY A 238 8.14 -5.17 -6.30
CA GLY A 238 8.88 -4.47 -5.27
C GLY A 238 8.13 -4.27 -3.96
N PHE A 239 7.05 -5.04 -3.76
CA PHE A 239 6.30 -5.03 -2.55
C PHE A 239 5.58 -6.40 -2.42
N ALA A 240 5.09 -6.66 -1.21
CA ALA A 240 4.28 -7.83 -0.91
C ALA A 240 2.92 -7.41 -0.32
N ILE A 241 2.02 -8.36 -0.06
CA ILE A 241 0.77 -8.11 0.63
C ILE A 241 0.85 -8.62 2.08
N PHE A 242 0.45 -7.82 3.06
CA PHE A 242 0.51 -8.24 4.43
C PHE A 242 -0.54 -9.34 4.83
N CYS A 243 -0.05 -10.53 5.17
CA CYS A 243 -0.84 -11.59 5.77
C CYS A 243 0.11 -12.51 6.57
N GLY A 244 0.00 -12.52 7.90
CA GLY A 244 0.88 -13.38 8.67
C GLY A 244 0.27 -14.71 9.05
N VAL A 245 1.14 -15.65 9.36
CA VAL A 245 0.79 -16.90 10.06
C VAL A 245 1.43 -16.88 11.44
N MET A 246 0.66 -17.28 12.40
CA MET A 246 1.11 -17.50 13.80
C MET A 246 0.78 -18.91 14.33
N LEU A 247 1.70 -19.42 15.17
CA LEU A 247 1.48 -20.56 15.99
C LEU A 247 1.47 -20.04 17.43
N GLY A 248 0.53 -20.48 18.21
CA GLY A 248 0.43 -20.00 19.61
C GLY A 248 -0.02 -21.15 20.53
N VAL A 249 0.14 -20.84 21.81
CA VAL A 249 -0.14 -21.73 22.93
C VAL A 249 -1.04 -21.05 23.91
N ASN A 250 -1.93 -21.81 24.52
CA ASN A 250 -2.91 -21.21 25.46
C ASN A 250 -2.28 -20.95 26.83
N LYS A 251 -3.00 -20.35 27.75
CA LYS A 251 -2.39 -19.92 29.02
C LYS A 251 -2.02 -21.12 29.87
N ALA A 252 -2.79 -22.21 29.79
CA ALA A 252 -2.50 -23.45 30.56
C ALA A 252 -1.32 -24.23 30.00
N GLY A 253 -0.83 -23.89 28.81
CA GLY A 253 0.25 -24.57 28.30
C GLY A 253 -0.05 -25.93 27.73
N ASP A 254 -1.31 -26.31 27.55
CA ASP A 254 -1.57 -27.65 27.06
C ASP A 254 -2.35 -27.73 25.71
N ALA A 255 -2.44 -26.64 24.96
CA ALA A 255 -3.09 -26.67 23.63
C ALA A 255 -2.43 -25.62 22.74
N ALA A 256 -2.20 -25.97 21.48
CA ALA A 256 -1.61 -25.03 20.55
C ALA A 256 -2.54 -24.83 19.37
N HIS A 257 -2.33 -23.72 18.65
CA HIS A 257 -3.26 -23.34 17.53
C HIS A 257 -2.51 -22.62 16.48
N ALA A 258 -3.01 -22.65 15.26
CA ALA A 258 -2.42 -21.93 14.13
C ALA A 258 -3.51 -21.01 13.54
N TYR A 259 -3.11 -19.80 13.17
CA TYR A 259 -4.05 -18.74 12.79
C TYR A 259 -3.30 -17.68 12.02
N ASN A 260 -4.05 -16.66 11.56
CA ASN A 260 -3.51 -15.60 10.76
C ASN A 260 -3.50 -14.27 11.55
N PHE A 261 -2.83 -13.27 11.03
CA PHE A 261 -3.01 -11.89 11.56
C PHE A 261 -2.77 -10.85 10.47
N THR A 262 -3.40 -9.72 10.71
CA THR A 262 -3.36 -8.61 9.85
C THR A 262 -2.97 -7.36 10.75
N LEU A 263 -3.05 -6.15 10.17
CA LEU A 263 -2.74 -4.90 10.86
CA LEU A 263 -2.73 -4.90 10.88
C LEU A 263 -3.95 -4.04 10.94
N THR A 264 -4.03 -3.24 12.01
CA THR A 264 -5.06 -2.17 12.12
C THR A 264 -4.93 -1.10 11.00
N LYS A 265 -6.03 -0.39 10.80
CA LYS A 265 -6.04 0.71 9.84
C LYS A 265 -4.95 1.76 10.08
N ASP A 266 -4.61 2.00 11.34
CA ASP A 266 -3.54 2.97 11.68
C ASP A 266 -2.15 2.38 11.67
N HIS A 267 -2.07 1.08 11.30
CA HIS A 267 -0.84 0.34 11.11
C HIS A 267 0.01 0.14 12.39
N ALA A 268 -0.57 0.42 13.51
CA ALA A 268 0.18 0.45 14.77
C ALA A 268 0.03 -0.89 15.55
N ASP A 269 -1.02 -1.68 15.27
CA ASP A 269 -1.32 -2.92 16.02
C ASP A 269 -1.71 -4.09 15.10
N ILE A 270 -1.61 -5.30 15.62
CA ILE A 270 -2.08 -6.47 14.89
C ILE A 270 -3.42 -6.84 15.37
N VAL A 271 -4.12 -7.55 14.51
CA VAL A 271 -5.41 -8.14 14.77
C VAL A 271 -5.35 -9.61 14.29
N PHE A 272 -5.89 -10.56 15.08
CA PHE A 272 -5.82 -11.97 14.72
C PHE A 272 -7.03 -12.32 13.85
N PHE A 273 -6.83 -13.24 12.91
CA PHE A 273 -7.87 -13.73 12.05
C PHE A 273 -7.94 -15.25 12.20
N GLU A 274 -9.14 -15.76 12.35
CA GLU A 274 -9.40 -17.19 12.46
C GLU A 274 -9.82 -17.75 11.08
N PRO A 275 -8.90 -18.42 10.36
CA PRO A 275 -9.25 -18.86 9.01
C PRO A 275 -10.30 -19.98 8.97
N GLN A 276 -10.63 -20.61 10.09
CA GLN A 276 -11.67 -21.61 10.08
C GLN A 276 -13.06 -20.94 10.11
N ASN A 277 -13.15 -19.65 10.41
CA ASN A 277 -14.51 -19.01 10.40
C ASN A 277 -14.57 -17.54 10.03
N GLY A 278 -13.44 -16.92 9.64
CA GLY A 278 -13.47 -15.55 9.11
C GLY A 278 -13.53 -14.50 10.16
N GLY A 279 -13.45 -14.90 11.41
CA GLY A 279 -13.58 -13.93 12.52
C GLY A 279 -12.29 -13.14 12.77
N TYR A 280 -12.42 -11.85 13.10
CA TYR A 280 -11.30 -11.04 13.58
C TYR A 280 -11.37 -10.92 15.08
N LEU A 281 -10.21 -11.04 15.76
CA LEU A 281 -10.17 -11.02 17.22
CA LEU A 281 -10.18 -10.98 17.22
C LEU A 281 -8.98 -10.20 17.70
N ASN A 282 -9.19 -9.38 18.76
CA ASN A 282 -8.09 -8.74 19.47
C ASN A 282 -7.39 -9.75 20.39
N ASP A 283 -8.11 -10.77 20.80
CA ASP A 283 -7.52 -11.85 21.64
C ASP A 283 -8.04 -13.19 21.18
N ILE A 284 -7.17 -14.04 20.61
CA ILE A 284 -7.63 -15.32 20.05
C ILE A 284 -7.59 -16.49 21.06
N GLY A 285 -7.12 -16.19 22.26
CA GLY A 285 -6.99 -17.21 23.31
C GLY A 285 -5.61 -17.89 23.36
N TYR A 286 -4.66 -17.45 22.52
CA TYR A 286 -3.35 -18.03 22.42
C TYR A 286 -2.35 -16.94 22.43
N ASP A 287 -1.17 -17.26 22.97
CA ASP A 287 -0.02 -16.44 22.85
C ASP A 287 0.96 -16.96 21.79
N SER A 288 1.37 -16.11 20.83
CA SER A 288 2.12 -16.57 19.67
C SER A 288 3.55 -16.91 20.05
N TYR A 289 4.01 -18.13 19.69
CA TYR A 289 5.40 -18.54 19.86
C TYR A 289 6.20 -18.46 18.55
N MET A 290 5.48 -18.35 17.40
CA MET A 290 6.18 -18.22 16.17
C MET A 290 5.24 -17.50 15.16
N ALA A 291 5.83 -16.70 14.33
CA ALA A 291 5.12 -16.01 13.23
C ALA A 291 6.02 -16.00 12.04
N PHE A 292 5.39 -16.10 10.86
CA PHE A 292 6.06 -15.75 9.63
C PHE A 292 5.12 -14.85 8.75
N TYR A 293 5.70 -13.90 8.02
CA TYR A 293 4.91 -12.87 7.32
C TYR A 293 5.86 -12.16 6.36
N VAL B 2 -14.34 -24.22 16.19
CA VAL B 2 -12.90 -24.06 15.80
C VAL B 2 -12.12 -25.13 16.58
N ALA B 3 -11.33 -25.90 15.86
CA ALA B 3 -10.60 -26.95 16.50
C ALA B 3 -9.12 -26.75 16.31
N ASP B 4 -8.35 -27.71 16.88
CA ASP B 4 -6.94 -27.71 17.02
C ASP B 4 -6.10 -27.36 15.74
#